data_4QJL
#
_entry.id   4QJL
#
_cell.length_a   55.020
_cell.length_b   59.750
_cell.length_c   74.480
_cell.angle_alpha   90.000
_cell.angle_beta   90.000
_cell.angle_gamma   90.000
#
_symmetry.space_group_name_H-M   'P 21 21 21'
#
loop_
_entity.id
_entity.type
_entity.pdbx_description
1 polymer 'Phosphopantetheinyl transferase, PptII'
2 non-polymer 'COENZYME A'
3 non-polymer 'MAGNESIUM ION'
4 water water
#
_entity_poly.entity_id   1
_entity_poly.type   'polypeptide(L)'
_entity_poly.pdbx_seq_one_letter_code
;MTISMLVSSVLPGTVVDDLAYAELYSDPPGLVPLPEEEPLIAKSVAKRRNEFITVRHCARVALGDLGVPPVPILKGDKGQ
PCWPDGVVGSLTHCSGYRGAVVGRSAAVRSVGIDAEPHDVLSNGVLDAISLPEERDEIPSAMPDGLHWDRILFCAKEATY
KVWFPLTNRWLGFEDAHITFEADDSGRTGRFVSRILIDPSALWGPPLTTLHGRWSVERGLVLTAIVLLEHHHHHH
;
_entity_poly.pdbx_strand_id   A
#
# COMPACT_ATOMS: atom_id res chain seq x y z
N ILE A 3 -19.68 0.23 7.22
CA ILE A 3 -18.77 -0.54 8.03
C ILE A 3 -17.54 0.30 8.42
N SER A 4 -16.79 -0.18 9.40
CA SER A 4 -15.54 0.47 9.82
C SER A 4 -14.50 0.26 8.74
N MET A 5 -13.60 1.22 8.59
CA MET A 5 -12.60 1.12 7.54
C MET A 5 -11.54 0.08 7.87
N LEU A 6 -11.22 -0.73 6.87
CA LEU A 6 -10.28 -1.82 7.04
C LEU A 6 -8.85 -1.30 7.21
N VAL A 7 -8.49 -0.24 6.49
CA VAL A 7 -7.12 0.23 6.52
C VAL A 7 -6.72 0.76 7.91
N SER A 8 -7.69 1.12 8.74
CA SER A 8 -7.44 1.50 10.15
C SER A 8 -6.57 0.50 10.89
N SER A 9 -6.86 -0.77 10.68
CA SER A 9 -6.19 -1.84 11.40
C SER A 9 -4.69 -1.93 11.12
N VAL A 10 -4.21 -1.32 10.04
CA VAL A 10 -2.77 -1.39 9.72
C VAL A 10 -2.09 -0.03 9.83
N LEU A 11 -2.79 0.94 10.44
CA LEU A 11 -2.18 2.25 10.72
C LEU A 11 -2.06 2.36 12.24
N PRO A 12 -0.84 2.21 12.80
CA PRO A 12 -0.77 2.22 14.27
C PRO A 12 -1.00 3.60 14.88
N GLY A 13 -1.27 3.63 16.18
CA GLY A 13 -1.56 4.88 16.87
C GLY A 13 -0.45 5.91 16.78
N THR A 14 0.78 5.44 16.64
CA THR A 14 1.92 6.34 16.54
C THR A 14 1.85 7.21 15.28
N VAL A 15 1.06 6.78 14.30
CA VAL A 15 1.03 7.47 13.01
C VAL A 15 -0.37 7.93 12.62
N VAL A 16 -1.40 7.27 13.12
CA VAL A 16 -2.73 7.42 12.54
C VAL A 16 -3.29 8.88 12.59
N ASP A 17 -2.84 9.68 13.55
CA ASP A 17 -3.35 11.05 13.64
C ASP A 17 -2.66 12.02 12.67
N ASP A 18 -1.56 11.60 12.02
CA ASP A 18 -0.93 12.40 10.96
C ASP A 18 -1.47 12.03 9.55
N LEU A 19 -2.37 11.08 9.51
CA LEU A 19 -2.86 10.53 8.25
C LEU A 19 -4.35 10.78 8.07
N ALA A 20 -4.74 10.87 6.81
CA ALA A 20 -6.14 10.80 6.40
C ALA A 20 -6.30 9.65 5.43
N TYR A 21 -7.50 9.06 5.40
CA TYR A 21 -7.75 7.90 4.53
C TYR A 21 -9.22 7.75 4.18
N ALA A 22 -9.48 7.09 3.06
CA ALA A 22 -10.86 6.83 2.63
C ALA A 22 -10.87 5.57 1.82
N GLU A 23 -11.97 4.83 1.89
CA GLU A 23 -12.06 3.61 1.10
C GLU A 23 -13.50 3.33 0.68
N LEU A 24 -13.65 2.50 -0.35
CA LEU A 24 -14.94 2.04 -0.84
C LEU A 24 -14.80 0.59 -1.26
N TYR A 25 -15.93 -0.11 -1.39
CA TYR A 25 -15.90 -1.56 -1.64
C TYR A 25 -16.63 -1.89 -2.93
N SER A 26 -16.78 -0.88 -3.76
CA SER A 26 -17.46 -0.99 -5.02
C SER A 26 -17.13 0.24 -5.83
N ASP A 27 -17.75 0.36 -7.00
CA ASP A 27 -17.62 1.55 -7.84
C ASP A 27 -18.95 2.31 -7.92
N PRO A 28 -19.21 3.21 -6.98
CA PRO A 28 -20.48 3.95 -7.04
C PRO A 28 -20.71 4.66 -8.37
N PRO A 29 -21.95 4.60 -8.89
CA PRO A 29 -22.24 5.35 -10.12
C PRO A 29 -22.20 6.85 -9.91
N GLY A 30 -21.92 7.60 -10.95
CA GLY A 30 -21.90 9.04 -10.82
C GLY A 30 -20.70 9.60 -10.09
N LEU A 31 -19.69 8.78 -9.83
CA LEU A 31 -18.38 9.32 -9.50
C LEU A 31 -17.80 9.66 -10.84
N VAL A 32 -17.07 10.78 -10.91
CA VAL A 32 -16.50 11.25 -12.15
C VAL A 32 -15.02 11.56 -12.02
N PRO A 33 -14.28 11.47 -13.13
CA PRO A 33 -12.90 11.94 -13.11
C PRO A 33 -12.84 13.46 -13.18
N LEU A 34 -11.78 14.07 -12.68
CA LEU A 34 -11.58 15.49 -12.93
C LEU A 34 -11.11 15.59 -14.39
N PRO A 35 -11.37 16.73 -15.04
CA PRO A 35 -11.10 16.85 -16.49
C PRO A 35 -9.67 16.52 -16.90
N GLU A 36 -8.72 16.87 -16.04
CA GLU A 36 -7.30 16.65 -16.34
C GLU A 36 -6.97 15.17 -16.38
N GLU A 37 -7.77 14.38 -15.66
CA GLU A 37 -7.52 12.94 -15.55
C GLU A 37 -8.07 12.12 -16.71
N GLU A 38 -8.98 12.70 -17.48
CA GLU A 38 -9.74 11.93 -18.44
C GLU A 38 -8.90 11.26 -19.54
N PRO A 39 -7.82 11.90 -19.99
CA PRO A 39 -6.95 11.27 -20.99
C PRO A 39 -6.30 9.98 -20.50
N LEU A 40 -6.16 9.84 -19.18
CA LEU A 40 -5.54 8.65 -18.62
C LEU A 40 -6.41 7.40 -18.79
N ILE A 41 -7.73 7.57 -18.85
CA ILE A 41 -8.65 6.43 -18.89
C ILE A 41 -9.56 6.43 -20.11
N ALA A 42 -9.22 7.25 -21.10
CA ALA A 42 -10.06 7.47 -22.27
C ALA A 42 -10.30 6.18 -23.09
N LYS A 43 -9.24 5.38 -23.23
CA LYS A 43 -9.32 4.12 -23.99
C LYS A 43 -9.32 2.86 -23.11
N SER A 44 -9.53 3.03 -21.81
CA SER A 44 -9.51 1.91 -20.88
C SER A 44 -10.84 1.19 -20.86
N VAL A 45 -10.83 -0.11 -20.54
CA VAL A 45 -12.10 -0.80 -20.38
C VAL A 45 -12.83 -0.27 -19.16
N ALA A 46 -14.15 -0.42 -19.19
CA ALA A 46 -15.00 0.21 -18.22
C ALA A 46 -14.61 -0.18 -16.80
N LYS A 47 -14.22 -1.42 -16.59
CA LYS A 47 -13.91 -1.86 -15.24
C LYS A 47 -12.69 -1.10 -14.69
N ARG A 48 -11.69 -0.88 -15.52
CA ARG A 48 -10.51 -0.11 -15.12
C ARG A 48 -10.86 1.37 -14.95
N ARG A 49 -11.56 1.91 -15.94
CA ARG A 49 -12.00 3.29 -15.89
C ARG A 49 -12.69 3.58 -14.56
N ASN A 50 -13.62 2.73 -14.18
CA ASN A 50 -14.41 2.99 -12.99
C ASN A 50 -13.63 2.79 -11.72
N GLU A 51 -12.74 1.82 -11.72
CA GLU A 51 -11.85 1.63 -10.59
C GLU A 51 -10.93 2.85 -10.38
N PHE A 52 -10.38 3.33 -11.48
CA PHE A 52 -9.50 4.50 -11.47
C PHE A 52 -10.22 5.68 -10.85
N ILE A 53 -11.42 5.93 -11.35
CA ILE A 53 -12.25 7.00 -10.85
C ILE A 53 -12.54 6.88 -9.38
N THR A 54 -12.94 5.69 -8.96
CA THR A 54 -13.30 5.49 -7.56
C THR A 54 -12.10 5.70 -6.62
N VAL A 55 -10.95 5.16 -6.98
CA VAL A 55 -9.76 5.31 -6.17
C VAL A 55 -9.37 6.80 -6.10
N ARG A 56 -9.40 7.51 -7.23
CA ARG A 56 -9.08 8.93 -7.24
C ARG A 56 -10.08 9.69 -6.36
N HIS A 57 -11.33 9.23 -6.32
CA HIS A 57 -12.32 9.88 -5.48
C HIS A 57 -11.99 9.68 -4.00
N CYS A 58 -11.53 8.48 -3.64
CA CYS A 58 -11.13 8.20 -2.27
C CYS A 58 -9.95 9.09 -1.88
N ALA A 59 -9.05 9.29 -2.84
CA ALA A 59 -7.88 10.11 -2.62
C ALA A 59 -8.29 11.56 -2.33
N ARG A 60 -9.23 12.09 -3.09
CA ARG A 60 -9.66 13.46 -2.88
C ARG A 60 -10.46 13.60 -1.60
N VAL A 61 -11.20 12.56 -1.23
CA VAL A 61 -11.91 12.61 0.05
C VAL A 61 -10.88 12.70 1.18
N ALA A 62 -9.87 11.82 1.13
CA ALA A 62 -8.78 11.87 2.11
C ALA A 62 -8.04 13.20 2.12
N LEU A 63 -7.71 13.74 0.94
CA LEU A 63 -7.04 15.03 0.85
C LEU A 63 -7.88 16.08 1.52
N GLY A 64 -9.18 16.05 1.23
CA GLY A 64 -10.12 16.97 1.86
C GLY A 64 -10.01 16.96 3.37
N ASP A 65 -9.89 15.77 3.95
CA ASP A 65 -9.71 15.63 5.40
C ASP A 65 -8.39 16.23 5.87
N LEU A 66 -7.45 16.33 4.95
CA LEU A 66 -6.15 16.84 5.27
C LEU A 66 -6.14 18.36 5.21
N GLY A 67 -7.13 18.94 4.54
CA GLY A 67 -7.22 20.36 4.34
C GLY A 67 -6.81 20.76 2.95
N VAL A 68 -6.77 19.81 2.04
CA VAL A 68 -6.30 20.07 0.67
C VAL A 68 -7.47 20.08 -0.32
N PRO A 69 -7.63 21.17 -1.08
CA PRO A 69 -8.74 21.24 -2.03
C PRO A 69 -8.61 20.21 -3.15
N PRO A 70 -9.74 19.79 -3.75
CA PRO A 70 -9.72 18.74 -4.79
C PRO A 70 -8.85 19.13 -5.96
N VAL A 71 -7.94 18.24 -6.32
CA VAL A 71 -7.07 18.47 -7.45
C VAL A 71 -7.00 17.20 -8.25
N PRO A 72 -6.67 17.32 -9.54
CA PRO A 72 -6.40 16.11 -10.29
C PRO A 72 -5.16 15.41 -9.76
N ILE A 73 -5.14 14.08 -9.88
CA ILE A 73 -4.01 13.26 -9.48
C ILE A 73 -3.55 12.45 -10.69
N LEU A 74 -2.53 12.96 -11.35
CA LEU A 74 -2.05 12.35 -12.57
C LEU A 74 -1.12 11.18 -12.24
N LYS A 75 -0.52 10.61 -13.28
CA LYS A 75 0.34 9.44 -13.17
C LYS A 75 1.72 9.79 -13.65
N GLY A 76 2.72 9.46 -12.86
CA GLY A 76 4.08 9.82 -13.21
C GLY A 76 4.80 8.79 -14.03
N ASP A 77 6.10 9.00 -14.16
CA ASP A 77 6.95 8.23 -15.06
C ASP A 77 6.92 6.73 -14.81
N LYS A 78 6.79 6.29 -13.57
CA LYS A 78 6.77 4.85 -13.29
C LYS A 78 5.40 4.46 -12.72
N GLY A 79 4.38 5.24 -13.05
CA GLY A 79 3.01 4.88 -12.72
C GLY A 79 2.56 5.40 -11.36
N GLN A 80 3.50 6.02 -10.64
CA GLN A 80 3.19 6.55 -9.33
C GLN A 80 2.20 7.73 -9.39
N PRO A 81 1.38 7.89 -8.35
CA PRO A 81 0.45 9.01 -8.36
C PRO A 81 1.17 10.34 -8.14
N CYS A 82 0.75 11.38 -8.83
CA CYS A 82 1.33 12.71 -8.66
C CYS A 82 0.55 13.51 -7.65
N TRP A 83 1.02 13.50 -6.42
CA TRP A 83 0.36 14.22 -5.33
C TRP A 83 0.64 15.69 -5.40
N PRO A 84 -0.20 16.49 -4.72
CA PRO A 84 0.14 17.92 -4.69
C PRO A 84 1.38 18.14 -3.84
N ASP A 85 2.07 19.25 -4.05
CA ASP A 85 3.28 19.53 -3.29
C ASP A 85 2.94 19.54 -1.81
N GLY A 86 3.82 18.98 -0.99
CA GLY A 86 3.59 18.95 0.44
C GLY A 86 2.72 17.81 0.90
N VAL A 87 2.37 16.90 -0.01
CA VAL A 87 1.56 15.73 0.32
C VAL A 87 2.25 14.45 -0.12
N VAL A 88 2.13 13.39 0.69
CA VAL A 88 2.56 12.05 0.29
C VAL A 88 1.37 11.11 0.45
N GLY A 89 1.39 9.93 -0.16
CA GLY A 89 0.23 9.08 -0.10
C GLY A 89 0.43 7.80 -0.86
N SER A 90 -0.59 6.95 -0.81
CA SER A 90 -0.57 5.70 -1.51
C SER A 90 -1.98 5.29 -1.90
N LEU A 91 -2.09 4.60 -3.03
CA LEU A 91 -3.38 4.10 -3.55
C LEU A 91 -3.34 2.59 -3.77
N THR A 92 -4.48 1.91 -3.58
CA THR A 92 -4.58 0.50 -3.86
C THR A 92 -6.01 0.13 -4.25
N HIS A 93 -6.14 -0.92 -5.06
CA HIS A 93 -7.42 -1.51 -5.41
C HIS A 93 -7.25 -3.01 -5.53
N CYS A 94 -8.32 -3.76 -5.26
CA CYS A 94 -8.42 -5.14 -5.68
C CYS A 94 -9.89 -5.45 -5.77
N SER A 95 -10.21 -6.70 -6.03
CA SER A 95 -11.62 -7.07 -6.04
C SER A 95 -12.27 -6.69 -4.70
N GLY A 96 -13.29 -5.84 -4.78
CA GLY A 96 -14.03 -5.42 -3.61
C GLY A 96 -13.37 -4.40 -2.70
N TYR A 97 -12.37 -3.69 -3.20
CA TYR A 97 -11.70 -2.69 -2.37
C TYR A 97 -11.05 -1.61 -3.20
N ARG A 98 -11.24 -0.38 -2.76
CA ARG A 98 -10.54 0.79 -3.28
C ARG A 98 -10.11 1.62 -2.08
N GLY A 99 -8.83 1.98 -1.97
CA GLY A 99 -8.40 2.73 -0.81
C GLY A 99 -7.27 3.73 -1.08
N ALA A 100 -7.26 4.78 -0.26
CA ALA A 100 -6.24 5.83 -0.31
C ALA A 100 -5.85 6.28 1.09
N VAL A 101 -4.55 6.48 1.28
CA VAL A 101 -4.01 7.05 2.53
C VAL A 101 -3.10 8.21 2.15
N VAL A 102 -3.26 9.36 2.80
CA VAL A 102 -2.43 10.53 2.52
C VAL A 102 -1.98 11.18 3.83
N GLY A 103 -0.89 11.94 3.74
CA GLY A 103 -0.42 12.67 4.88
C GLY A 103 0.38 13.89 4.42
N ARG A 104 0.62 14.81 5.33
CA ARG A 104 1.47 15.95 5.02
C ARG A 104 2.92 15.57 5.08
N SER A 105 3.68 16.02 4.08
CA SER A 105 5.06 15.62 3.92
C SER A 105 5.97 16.19 5.00
N ALA A 106 5.53 17.25 5.69
CA ALA A 106 6.31 17.77 6.82
C ALA A 106 6.32 16.80 8.00
N ALA A 107 5.27 15.99 8.12
CA ALA A 107 5.14 15.02 9.21
C ALA A 107 5.47 13.60 8.74
N VAL A 108 5.12 13.29 7.50
CA VAL A 108 5.19 11.93 6.98
C VAL A 108 6.17 11.86 5.81
N ARG A 109 7.14 10.96 5.91
CA ARG A 109 8.18 10.85 4.91
C ARG A 109 7.66 10.11 3.67
N SER A 110 6.95 9.03 3.92
CA SER A 110 6.37 8.19 2.85
C SER A 110 5.35 7.22 3.40
N VAL A 111 4.44 6.79 2.53
CA VAL A 111 3.37 5.84 2.85
C VAL A 111 3.26 4.86 1.71
N GLY A 112 3.15 3.57 2.02
CA GLY A 112 2.79 2.55 1.04
C GLY A 112 1.72 1.66 1.63
N ILE A 113 0.67 1.40 0.85
CA ILE A 113 -0.40 0.48 1.26
C ILE A 113 -0.70 -0.46 0.13
N ASP A 114 -1.25 -1.60 0.47
CA ASP A 114 -1.65 -2.53 -0.54
C ASP A 114 -2.79 -3.41 -0.06
N ALA A 115 -3.75 -3.65 -0.94
CA ALA A 115 -4.83 -4.58 -0.69
C ALA A 115 -4.78 -5.72 -1.69
N GLU A 116 -5.03 -6.93 -1.21
CA GLU A 116 -5.17 -8.14 -2.02
C GLU A 116 -6.38 -8.96 -1.55
N PRO A 117 -7.01 -9.75 -2.44
CA PRO A 117 -7.96 -10.75 -1.92
C PRO A 117 -7.23 -11.77 -1.04
N HIS A 118 -7.83 -12.18 0.07
CA HIS A 118 -7.22 -13.21 0.89
C HIS A 118 -7.49 -14.59 0.29
N ASP A 119 -6.74 -14.87 -0.79
CA ASP A 119 -6.83 -16.09 -1.59
C ASP A 119 -5.41 -16.62 -1.84
N VAL A 120 -5.29 -17.94 -2.06
CA VAL A 120 -4.01 -18.53 -2.39
C VAL A 120 -3.41 -17.95 -3.66
N LEU A 121 -2.09 -18.05 -3.74
CA LEU A 121 -1.36 -17.79 -4.98
C LEU A 121 -0.90 -19.13 -5.50
N SER A 122 -0.67 -19.18 -6.78
CA SER A 122 -0.05 -20.35 -7.39
C SER A 122 1.38 -20.50 -6.92
N ASN A 123 1.88 -21.73 -6.92
CA ASN A 123 3.24 -22.01 -6.47
C ASN A 123 4.24 -21.30 -7.34
N GLY A 124 3.91 -21.12 -8.62
CA GLY A 124 4.79 -20.43 -9.53
C GLY A 124 4.99 -18.97 -9.13
N VAL A 125 3.89 -18.33 -8.75
CA VAL A 125 3.94 -16.95 -8.29
C VAL A 125 4.70 -16.89 -6.95
N LEU A 126 4.39 -17.78 -6.03
CA LEU A 126 5.08 -17.77 -4.74
C LEU A 126 6.60 -17.86 -4.90
N ASP A 127 7.06 -18.74 -5.77
CA ASP A 127 8.50 -18.85 -5.94
C ASP A 127 9.11 -17.60 -6.57
N ALA A 128 8.39 -16.91 -7.46
CA ALA A 128 8.94 -15.69 -8.03
C ALA A 128 9.01 -14.54 -7.02
N ILE A 129 8.10 -14.48 -6.06
CA ILE A 129 8.04 -13.31 -5.21
C ILE A 129 8.67 -13.53 -3.84
N SER A 130 9.04 -14.76 -3.51
CA SER A 130 9.62 -15.07 -2.21
C SER A 130 11.06 -15.59 -2.30
N LEU A 131 11.75 -15.48 -1.18
CA LEU A 131 13.05 -16.06 -0.97
C LEU A 131 12.90 -17.43 -0.29
N PRO A 132 13.86 -18.33 -0.54
CA PRO A 132 13.82 -19.65 0.10
C PRO A 132 13.64 -19.53 1.61
N GLU A 133 14.32 -18.56 2.22
CA GLU A 133 14.29 -18.41 3.64
C GLU A 133 12.90 -17.94 4.13
N GLU A 134 12.22 -17.11 3.35
CA GLU A 134 10.85 -16.70 3.69
C GLU A 134 9.89 -17.90 3.69
N ARG A 135 10.00 -18.75 2.68
CA ARG A 135 9.16 -19.92 2.59
C ARG A 135 9.39 -20.89 3.75
N ASP A 136 10.59 -20.89 4.33
CA ASP A 136 10.84 -21.69 5.54
C ASP A 136 10.30 -21.03 6.81
N GLU A 137 10.50 -19.72 6.93
CA GLU A 137 10.28 -19.01 8.19
C GLU A 137 8.83 -18.65 8.46
N ILE A 138 8.14 -18.21 7.43
CA ILE A 138 6.82 -17.57 7.62
C ILE A 138 5.72 -18.53 8.12
N PRO A 139 5.67 -19.77 7.59
CA PRO A 139 4.63 -20.67 8.08
C PRO A 139 4.71 -20.90 9.59
N SER A 140 5.92 -20.94 10.13
CA SER A 140 6.07 -21.02 11.58
C SER A 140 5.60 -19.75 12.31
N ALA A 141 5.74 -18.59 11.70
CA ALA A 141 5.35 -17.33 12.33
C ALA A 141 3.84 -17.07 12.26
N MET A 142 3.18 -17.62 11.26
CA MET A 142 1.80 -17.26 10.94
C MET A 142 0.80 -18.38 11.25
N PRO A 143 -0.36 -18.02 11.84
CA PRO A 143 -1.42 -18.99 12.12
C PRO A 143 -1.85 -19.83 10.96
N ASP A 144 -2.13 -21.11 11.21
CA ASP A 144 -2.81 -21.95 10.25
C ASP A 144 -4.07 -21.26 9.73
N GLY A 145 -4.31 -21.41 8.43
CA GLY A 145 -5.50 -20.88 7.80
C GLY A 145 -5.27 -19.59 7.05
N LEU A 146 -4.26 -18.82 7.46
CA LEU A 146 -3.90 -17.63 6.71
C LEU A 146 -3.15 -18.04 5.43
N HIS A 147 -3.49 -17.40 4.31
CA HIS A 147 -2.75 -17.57 3.08
C HIS A 147 -1.53 -16.68 3.14
N TRP A 148 -0.51 -17.18 3.79
CA TRP A 148 0.65 -16.37 4.06
C TRP A 148 1.41 -16.05 2.77
N ASP A 149 1.19 -16.84 1.72
CA ASP A 149 1.78 -16.49 0.44
C ASP A 149 1.26 -15.16 -0.10
N ARG A 150 -0.05 -14.98 -0.08
CA ARG A 150 -0.65 -13.73 -0.51
C ARG A 150 -0.31 -12.57 0.41
N ILE A 151 -0.20 -12.83 1.71
CA ILE A 151 0.08 -11.77 2.69
C ILE A 151 1.51 -11.27 2.48
N LEU A 152 2.43 -12.22 2.27
CA LEU A 152 3.79 -11.90 1.87
C LEU A 152 3.84 -11.02 0.61
N PHE A 153 3.14 -11.46 -0.43
CA PHE A 153 3.08 -10.74 -1.69
C PHE A 153 2.56 -9.30 -1.47
N CYS A 154 1.48 -9.18 -0.72
CA CYS A 154 0.89 -7.90 -0.41
C CYS A 154 1.92 -7.00 0.33
N ALA A 155 2.58 -7.55 1.34
CA ALA A 155 3.60 -6.81 2.08
C ALA A 155 4.78 -6.32 1.18
N LYS A 156 5.18 -7.14 0.22
CA LYS A 156 6.23 -6.77 -0.73
C LYS A 156 5.78 -5.62 -1.61
N GLU A 157 4.53 -5.66 -2.09
CA GLU A 157 4.03 -4.59 -2.92
C GLU A 157 3.96 -3.27 -2.14
N ALA A 158 3.55 -3.34 -0.88
CA ALA A 158 3.51 -2.13 -0.04
C ALA A 158 4.91 -1.57 0.15
N THR A 159 5.87 -2.46 0.30
CA THR A 159 7.29 -2.10 0.46
C THR A 159 7.74 -1.31 -0.77
N TYR A 160 7.46 -1.78 -1.99
CA TYR A 160 7.80 -1.00 -3.18
C TYR A 160 7.15 0.38 -3.22
N LYS A 161 5.89 0.47 -2.86
CA LYS A 161 5.19 1.72 -2.94
C LYS A 161 5.74 2.76 -1.96
N VAL A 162 6.19 2.34 -0.78
CA VAL A 162 6.75 3.29 0.20
C VAL A 162 8.17 3.68 -0.19
N TRP A 163 8.83 2.76 -0.90
CA TRP A 163 10.21 2.90 -1.32
C TRP A 163 10.41 3.81 -2.51
N PHE A 164 9.58 3.67 -3.54
CA PHE A 164 9.88 4.33 -4.78
C PHE A 164 9.91 5.87 -4.67
N PRO A 165 8.96 6.50 -3.96
CA PRO A 165 9.06 7.95 -3.86
C PRO A 165 10.32 8.47 -3.15
N LEU A 166 10.95 7.65 -2.29
CA LEU A 166 12.16 8.05 -1.56
C LEU A 166 13.48 7.71 -2.26
N THR A 167 13.43 6.82 -3.24
CA THR A 167 14.63 6.38 -3.96
C THR A 167 14.60 6.60 -5.46
N ASN A 168 13.40 6.59 -6.03
CA ASN A 168 13.17 6.51 -7.46
C ASN A 168 13.96 5.40 -8.14
N ARG A 169 14.11 4.28 -7.43
CA ARG A 169 14.74 3.08 -7.96
C ARG A 169 13.79 1.88 -7.92
N TRP A 170 14.04 0.93 -8.80
CA TRP A 170 13.35 -0.33 -8.78
C TRP A 170 13.68 -1.10 -7.49
N LEU A 171 12.70 -1.85 -7.00
CA LEU A 171 12.90 -2.81 -5.93
C LEU A 171 12.18 -4.08 -6.34
N GLY A 172 12.93 -5.14 -6.59
CA GLY A 172 12.33 -6.41 -6.97
C GLY A 172 11.85 -7.23 -5.78
N PHE A 173 11.05 -8.26 -6.05
CA PHE A 173 10.58 -9.11 -4.97
C PHE A 173 11.72 -9.82 -4.21
N GLU A 174 12.81 -10.16 -4.88
CA GLU A 174 13.85 -10.86 -4.17
C GLU A 174 14.88 -9.88 -3.58
N ASP A 175 14.55 -8.58 -3.63
CA ASP A 175 15.41 -7.52 -3.06
C ASP A 175 15.00 -7.11 -1.65
N ALA A 176 13.99 -7.79 -1.08
CA ALA A 176 13.65 -7.59 0.31
C ALA A 176 13.30 -8.89 0.96
N HIS A 177 13.69 -9.01 2.23
CA HIS A 177 13.42 -10.18 3.05
C HIS A 177 12.45 -9.72 4.12
N ILE A 178 11.25 -10.30 4.10
CA ILE A 178 10.21 -9.93 5.02
C ILE A 178 10.06 -10.97 6.13
N THR A 179 9.96 -10.47 7.36
N THR A 179 9.96 -10.49 7.37
CA THR A 179 9.71 -11.28 8.55
CA THR A 179 9.67 -11.35 8.51
C THR A 179 8.38 -10.87 9.16
C THR A 179 8.41 -10.88 9.18
N PHE A 180 7.60 -11.85 9.59
CA PHE A 180 6.27 -11.61 10.16
C PHE A 180 6.11 -11.98 11.62
N GLU A 181 5.25 -11.26 12.33
CA GLU A 181 4.65 -11.77 13.56
C GLU A 181 3.15 -11.61 13.54
N ALA A 182 2.50 -12.42 14.35
CA ALA A 182 1.04 -12.40 14.44
C ALA A 182 0.61 -12.00 15.83
N ASP A 183 -0.41 -11.17 15.89
CA ASP A 183 -1.07 -10.87 17.16
C ASP A 183 -1.95 -12.06 17.57
N ASP A 184 -2.43 -12.03 18.81
CA ASP A 184 -3.18 -13.16 19.37
C ASP A 184 -4.45 -13.46 18.59
N SER A 185 -5.06 -12.41 18.04
CA SER A 185 -6.28 -12.59 17.27
C SER A 185 -6.03 -13.49 16.09
N GLY A 186 -4.80 -13.49 15.60
CA GLY A 186 -4.43 -14.29 14.45
C GLY A 186 -4.81 -13.62 13.13
N ARG A 187 -5.34 -12.40 13.19
CA ARG A 187 -5.87 -11.72 12.01
C ARG A 187 -5.14 -10.42 11.74
N THR A 188 -4.22 -10.06 12.63
CA THR A 188 -3.45 -8.83 12.48
C THR A 188 -2.04 -9.07 12.99
N GLY A 189 -1.11 -8.24 12.53
CA GLY A 189 0.26 -8.34 13.00
C GLY A 189 1.18 -7.35 12.35
N ARG A 190 2.46 -7.57 12.62
CA ARG A 190 3.55 -6.74 12.15
C ARG A 190 4.39 -7.47 11.11
N PHE A 191 5.08 -6.72 10.28
CA PHE A 191 6.12 -7.28 9.47
C PHE A 191 7.30 -6.29 9.40
N VAL A 192 8.49 -6.80 9.13
CA VAL A 192 9.66 -5.99 8.81
C VAL A 192 10.24 -6.41 7.49
N SER A 193 10.42 -5.44 6.59
CA SER A 193 11.12 -5.64 5.33
C SER A 193 12.55 -5.16 5.44
N ARG A 194 13.46 -6.08 5.27
CA ARG A 194 14.88 -5.79 5.24
C ARG A 194 15.30 -5.69 3.79
N ILE A 195 15.77 -4.51 3.42
CA ILE A 195 16.20 -4.25 2.06
C ILE A 195 17.56 -4.89 1.79
N LEU A 196 17.69 -5.61 0.68
CA LEU A 196 18.91 -6.36 0.40
C LEU A 196 19.81 -5.73 -0.66
N ILE A 197 19.38 -4.61 -1.24
CA ILE A 197 20.13 -3.93 -2.29
C ILE A 197 20.61 -2.60 -1.70
N ASP A 198 21.25 -1.74 -2.51
CA ASP A 198 21.67 -0.40 -2.05
C ASP A 198 20.49 0.32 -1.39
N PRO A 199 20.58 0.60 -0.07
CA PRO A 199 19.42 1.12 0.66
C PRO A 199 19.31 2.61 0.69
N SER A 200 20.17 3.28 -0.07
N SER A 200 20.17 3.29 -0.05
CA SER A 200 20.27 4.73 0.00
CA SER A 200 20.27 4.74 0.09
C SER A 200 19.02 5.44 -0.49
C SER A 200 19.07 5.48 -0.49
N ALA A 201 18.54 6.40 0.29
CA ALA A 201 17.47 7.26 -0.16
C ALA A 201 18.09 8.37 -1.02
N LEU A 202 17.27 9.08 -1.79
CA LEU A 202 17.74 10.24 -2.54
C LEU A 202 18.37 11.23 -1.55
N TRP A 203 17.74 11.49 -0.42
CA TRP A 203 18.41 12.19 0.66
C TRP A 203 17.83 11.73 1.96
N GLY A 204 18.52 12.05 3.05
CA GLY A 204 18.11 11.61 4.37
C GLY A 204 18.55 10.19 4.67
N PRO A 205 18.04 9.62 5.75
CA PRO A 205 18.46 8.30 6.21
C PRO A 205 18.12 7.16 5.26
N PRO A 206 18.97 6.12 5.25
CA PRO A 206 18.73 5.00 4.34
C PRO A 206 17.50 4.16 4.72
N LEU A 207 16.95 3.46 3.73
CA LEU A 207 15.82 2.56 3.92
C LEU A 207 16.35 1.14 4.07
N THR A 208 16.65 0.73 5.30
CA THR A 208 17.30 -0.55 5.53
C THR A 208 16.33 -1.56 6.11
N THR A 209 15.55 -1.12 7.09
CA THR A 209 14.54 -1.96 7.72
C THR A 209 13.24 -1.17 7.85
N LEU A 210 12.22 -1.60 7.12
CA LEU A 210 10.95 -0.90 7.05
C LEU A 210 9.91 -1.66 7.84
N HIS A 211 9.28 -1.01 8.80
CA HIS A 211 8.33 -1.68 9.67
C HIS A 211 6.91 -1.44 9.18
N GLY A 212 6.12 -2.51 9.03
CA GLY A 212 4.75 -2.43 8.57
C GLY A 212 3.77 -3.20 9.42
N ARG A 213 2.51 -3.15 9.02
CA ARG A 213 1.44 -3.88 9.65
C ARG A 213 0.64 -4.61 8.59
N TRP A 214 0.09 -5.77 8.94
CA TRP A 214 -0.85 -6.48 8.08
C TRP A 214 -2.15 -6.81 8.81
N SER A 215 -3.21 -7.03 8.04
CA SER A 215 -4.51 -7.37 8.56
C SER A 215 -5.24 -8.26 7.57
N VAL A 216 -6.01 -9.22 8.08
CA VAL A 216 -6.93 -9.95 7.22
C VAL A 216 -8.33 -9.71 7.76
N GLU A 217 -9.19 -9.16 6.91
CA GLU A 217 -10.61 -9.04 7.28
C GLU A 217 -11.51 -8.82 6.09
N ARG A 218 -12.77 -9.23 6.24
CA ARG A 218 -13.75 -9.21 5.17
C ARG A 218 -13.20 -9.77 3.86
N GLY A 219 -12.38 -10.82 3.98
CA GLY A 219 -11.89 -11.58 2.84
C GLY A 219 -10.75 -10.90 2.10
N LEU A 220 -10.21 -9.85 2.72
CA LEU A 220 -9.13 -9.01 2.17
C LEU A 220 -7.88 -9.03 3.02
N VAL A 221 -6.75 -8.88 2.37
CA VAL A 221 -5.49 -8.63 3.05
C VAL A 221 -5.20 -7.16 2.89
N LEU A 222 -4.88 -6.48 3.97
CA LEU A 222 -4.38 -5.11 3.90
C LEU A 222 -2.99 -5.04 4.50
N THR A 223 -2.10 -4.28 3.87
CA THR A 223 -0.78 -4.02 4.45
C THR A 223 -0.45 -2.54 4.34
N ALA A 224 0.36 -2.03 5.26
CA ALA A 224 0.75 -0.65 5.21
C ALA A 224 2.10 -0.46 5.88
N ILE A 225 2.89 0.43 5.28
CA ILE A 225 4.11 0.93 5.91
C ILE A 225 4.06 2.43 5.92
N VAL A 226 4.28 3.02 7.09
CA VAL A 226 4.27 4.48 7.25
C VAL A 226 5.58 4.93 7.86
N LEU A 227 6.32 5.75 7.12
CA LEU A 227 7.58 6.30 7.60
C LEU A 227 7.40 7.75 7.98
N LEU A 228 7.73 8.08 9.21
CA LEU A 228 7.57 9.45 9.68
C LEU A 228 8.84 10.29 9.45
N GLU A 229 8.66 11.61 9.28
CA GLU A 229 9.80 12.52 9.19
C GLU A 229 10.37 12.71 10.59
N HIS A 230 11.67 12.51 10.79
CA HIS A 230 12.28 12.72 12.11
C HIS A 230 13.23 13.94 12.20
#